data_7FMH
#
_entry.id   7FMH
#
_cell.length_a   88.601
_cell.length_b   81.997
_cell.length_c   93.574
_cell.angle_alpha   90
_cell.angle_beta   108.27
_cell.angle_gamma   90
#
_symmetry.space_group_name_H-M   'C 1 2 1'
#
loop_
_entity.id
_entity.type
_entity.pdbx_description
1 polymer 'Pre-mRNA-splicing factor 8'
2 polymer 'A1 cistron-splicing factor AAR2'
3 non-polymer (2E)-N-(2-cyanoethyl)-N-methyl-3-(2-methyl-1,3-thiazol-4-yl)prop-2-enamide
4 water water
#
loop_
_entity_poly.entity_id
_entity_poly.type
_entity_poly.pdbx_seq_one_letter_code
_entity_poly.pdbx_strand_id
1 'polypeptide(L)'
;GAMNSSNYAELFNNDIKLFVDDTNVYRVTVHKTFEGNVATKAINGCIFTLNPKTGHLFLKIIHTSVWAGQKRLSQLAKWK
TAEEVSALVRSLPKEEQPKQIIVTRKAMLDPLEVHMLDFPNIAIRPTELRLPFSAAMSIDKLSDVVMKATEPQMVLFNIY
DDWLDRISSYTAFSRLTLLLRALKTNEESAKMILLSDPTITIKSYHLWPSFTDEQWITIESQMRDLILTEYGRKYNVNIS
ALTQTEIKDIILGQNIKA
;
A
2 'polypeptide(L)'
;GAMAMNTVPFTSAPIEVTIGIDQYSFNVKENQPFHGIKDIPIGHVHVIHFQHADNSSMRYGYWFDCRMGNFYIQYDPKDG
LYKMMEERDGAKFENIVHNFKERQMMVSYPKIDEDDTWYNLTEFVQMDKIRKIVRKDENQFSYVDSSMTTVQENELSSSS
SDPAHSLNYTVINFKSREAIRPGHEMEDFLDKSYYLNTVMLQGIFKNSSNYFGELQFAFLNAMFFGNYGSSLQWHAMIEL
ICSSATVPKHMLDKLDEILYYQIKTLPEQYSDILLNERVWNICLYSSFQKNSLHNTEKIMENKYPELL
;
B
#
loop_
_chem_comp.id
_chem_comp.type
_chem_comp.name
_chem_comp.formula
V5C non-polymer (2E)-N-(2-cyanoethyl)-N-methyl-3-(2-methyl-1,3-thiazol-4-yl)prop-2-enamide 'C11 H13 N3 O S'
#
# COMPACT_ATOMS: atom_id res chain seq x y z
N GLY A 1 -6.37 -4.50 -14.99
CA GLY A 1 -6.72 -4.92 -13.65
C GLY A 1 -7.08 -6.39 -13.56
N ALA A 2 -8.25 -6.69 -13.00
CA ALA A 2 -8.63 -8.08 -12.75
C ALA A 2 -9.11 -8.74 -14.03
N MET A 3 -8.86 -10.05 -14.12
CA MET A 3 -9.23 -10.85 -15.27
C MET A 3 -10.56 -11.53 -14.98
N ASN A 4 -11.52 -11.43 -15.89
CA ASN A 4 -12.88 -11.90 -15.64
C ASN A 4 -13.49 -12.38 -16.95
N SER A 5 -14.78 -12.76 -16.89
CA SER A 5 -15.47 -13.28 -18.06
C SER A 5 -15.50 -12.27 -19.20
N SER A 6 -15.40 -10.97 -18.89
CA SER A 6 -15.55 -9.95 -19.91
C SER A 6 -14.32 -9.84 -20.79
N ASN A 7 -13.13 -10.08 -20.24
CA ASN A 7 -11.88 -9.99 -20.99
C ASN A 7 -11.22 -11.37 -21.13
N TYR A 8 -12.04 -12.39 -21.43
CA TYR A 8 -11.56 -13.77 -21.43
C TYR A 8 -10.69 -14.07 -22.65
N ALA A 9 -11.01 -13.49 -23.80
CA ALA A 9 -10.24 -13.80 -25.00
C ALA A 9 -8.83 -13.23 -24.93
N GLU A 10 -8.57 -12.33 -24.00
CA GLU A 10 -7.22 -11.81 -23.86
C GLU A 10 -6.24 -12.92 -23.55
N LEU A 11 -6.70 -14.00 -22.93
CA LEU A 11 -5.80 -15.10 -22.60
C LEU A 11 -5.16 -15.72 -23.82
N PHE A 12 -5.78 -15.59 -24.99
CA PHE A 12 -5.34 -16.32 -26.18
C PHE A 12 -4.77 -15.38 -27.23
N ASN A 13 -4.49 -14.14 -26.85
CA ASN A 13 -3.83 -13.24 -27.78
C ASN A 13 -2.34 -13.54 -27.74
N ASN A 14 -1.57 -12.70 -28.40
CA ASN A 14 -0.16 -13.01 -28.62
C ASN A 14 0.78 -12.27 -27.65
N ASP A 15 0.24 -11.68 -26.59
CA ASP A 15 1.04 -11.17 -25.48
C ASP A 15 1.34 -12.34 -24.53
N ILE A 16 2.62 -12.61 -24.27
CA ILE A 16 2.93 -13.76 -23.42
C ILE A 16 2.38 -13.50 -22.02
N LYS A 17 1.68 -14.49 -21.45
CA LYS A 17 1.19 -14.40 -20.09
C LYS A 17 1.24 -15.75 -19.42
N LEU A 18 1.31 -15.73 -18.10
CA LEU A 18 1.31 -16.93 -17.29
C LEU A 18 0.28 -16.82 -16.19
N PHE A 19 -0.48 -17.90 -15.97
CA PHE A 19 -1.22 -18.08 -14.74
C PHE A 19 -0.29 -18.67 -13.69
N VAL A 20 -0.41 -18.20 -12.46
CA VAL A 20 0.30 -18.82 -11.32
C VAL A 20 -0.72 -19.25 -10.28
N ASP A 21 -0.72 -20.54 -9.93
CA ASP A 21 -1.60 -21.06 -8.90
C ASP A 21 -0.73 -21.64 -7.80
N ASP A 22 -0.95 -21.19 -6.58
CA ASP A 22 -0.16 -21.61 -5.41
C ASP A 22 -0.88 -22.58 -4.48
N THR A 23 -2.03 -23.09 -4.90
N THR A 23 -2.04 -23.14 -4.87
CA THR A 23 -2.84 -23.88 -3.99
CA THR A 23 -2.85 -23.89 -3.92
C THR A 23 -2.04 -25.05 -3.44
C THR A 23 -2.25 -25.26 -3.57
N ASN A 24 -1.28 -25.71 -4.31
CA ASN A 24 -0.62 -26.98 -3.98
C ASN A 24 0.85 -26.83 -3.57
N VAL A 25 1.27 -25.63 -3.19
CA VAL A 25 2.64 -25.41 -2.77
C VAL A 25 2.89 -26.01 -1.39
N TYR A 26 2.06 -25.65 -0.42
CA TYR A 26 2.19 -26.12 0.96
C TYR A 26 1.06 -27.11 1.22
N ARG A 27 1.41 -28.39 1.31
CA ARG A 27 0.46 -29.47 1.49
C ARG A 27 0.81 -30.25 2.75
N VAL A 28 -0.21 -30.61 3.54
CA VAL A 28 -0.01 -31.33 4.79
C VAL A 28 -1.03 -32.44 4.95
N THR A 29 -0.68 -33.40 5.78
CA THR A 29 -1.62 -34.34 6.38
C THR A 29 -1.72 -33.97 7.85
N VAL A 30 -2.93 -33.98 8.40
CA VAL A 30 -3.18 -33.64 9.79
C VAL A 30 -3.38 -34.96 10.53
N HIS A 31 -2.71 -35.14 11.65
CA HIS A 31 -2.77 -36.41 12.35
C HIS A 31 -2.69 -36.20 13.85
N LYS A 32 -3.04 -37.24 14.60
CA LYS A 32 -2.91 -37.20 16.06
C LYS A 32 -1.51 -37.61 16.50
N THR A 33 -1.04 -37.01 17.59
CA THR A 33 0.22 -37.41 18.20
C THR A 33 -0.04 -38.43 19.31
N PHE A 34 1.05 -39.06 19.78
CA PHE A 34 0.90 -40.07 20.82
C PHE A 34 0.19 -39.52 22.04
N GLU A 35 0.41 -38.25 22.35
CA GLU A 35 -0.19 -37.58 23.50
C GLU A 35 -1.61 -37.15 23.22
N GLY A 36 -2.12 -37.41 22.02
CA GLY A 36 -3.47 -37.03 21.65
C GLY A 36 -3.61 -35.60 21.19
N ASN A 37 -2.51 -34.93 20.86
CA ASN A 37 -2.59 -33.61 20.27
C ASN A 37 -2.65 -33.78 18.76
N VAL A 38 -2.75 -32.69 18.04
CA VAL A 38 -2.77 -32.73 16.58
C VAL A 38 -1.49 -32.13 16.07
N ALA A 39 -1.00 -32.68 14.97
CA ALA A 39 0.20 -32.22 14.32
C ALA A 39 0.02 -32.33 12.82
N THR A 40 0.83 -31.58 12.09
CA THR A 40 0.87 -31.69 10.65
C THR A 40 2.18 -32.32 10.19
N LYS A 41 2.09 -33.03 9.06
CA LYS A 41 3.25 -33.53 8.34
C LYS A 41 3.16 -33.02 6.91
N ALA A 42 4.15 -32.24 6.50
CA ALA A 42 4.16 -31.73 5.13
C ALA A 42 4.44 -32.84 4.14
N ILE A 43 3.90 -32.68 2.92
CA ILE A 43 4.25 -33.52 1.79
C ILE A 43 4.65 -32.61 0.62
N ASN A 44 5.30 -33.20 -0.38
CA ASN A 44 5.80 -32.41 -1.49
C ASN A 44 4.66 -31.69 -2.17
N GLY A 45 4.95 -30.49 -2.63
CA GLY A 45 3.96 -29.69 -3.34
C GLY A 45 4.51 -29.18 -4.65
N CYS A 46 3.82 -28.20 -5.24
CA CYS A 46 4.22 -27.75 -6.56
C CYS A 46 3.58 -26.39 -6.80
N ILE A 47 4.31 -25.58 -7.56
CA ILE A 47 3.75 -24.35 -8.16
C ILE A 47 3.27 -24.70 -9.56
N PHE A 48 2.07 -24.23 -9.90
CA PHE A 48 1.43 -24.52 -11.19
C PHE A 48 1.50 -23.21 -11.97
N THR A 49 2.41 -23.12 -12.94
CA THR A 49 2.64 -21.91 -13.73
C THR A 49 2.39 -22.26 -15.18
N LEU A 50 1.36 -21.64 -15.79
CA LEU A 50 0.84 -22.17 -17.04
C LEU A 50 0.71 -21.05 -18.06
N ASN A 51 1.21 -21.28 -19.28
CA ASN A 51 0.91 -20.39 -20.41
C ASN A 51 -0.36 -20.87 -21.08
N PRO A 52 -1.49 -20.15 -21.00
CA PRO A 52 -2.75 -20.67 -21.52
C PRO A 52 -2.81 -20.68 -23.02
N LYS A 53 -1.95 -19.92 -23.69
CA LYS A 53 -1.94 -19.91 -25.14
C LYS A 53 -1.24 -21.14 -25.71
N THR A 54 -0.12 -21.52 -25.12
CA THR A 54 0.69 -22.60 -25.66
C THR A 54 0.53 -23.92 -24.92
N GLY A 55 -0.01 -23.91 -23.71
CA GLY A 55 -0.09 -25.12 -22.91
C GLY A 55 1.15 -25.40 -22.10
N HIS A 56 2.22 -24.62 -22.29
CA HIS A 56 3.46 -24.88 -21.56
C HIS A 56 3.24 -24.70 -20.06
N LEU A 57 3.60 -25.72 -19.30
CA LEU A 57 3.42 -25.79 -17.86
C LEU A 57 4.80 -25.88 -17.23
N PHE A 58 5.12 -24.94 -16.36
CA PHE A 58 6.40 -24.94 -15.62
C PHE A 58 6.05 -25.43 -14.22
N LEU A 59 6.29 -26.72 -13.94
CA LEU A 59 5.83 -27.32 -12.70
C LEU A 59 7.03 -27.29 -11.78
N LYS A 60 7.06 -26.36 -10.84
CA LYS A 60 8.16 -26.31 -9.92
C LYS A 60 7.78 -27.13 -8.69
N ILE A 61 8.53 -28.19 -8.47
CA ILE A 61 8.24 -29.08 -7.37
C ILE A 61 8.85 -28.53 -6.08
N ILE A 62 8.04 -28.48 -5.02
CA ILE A 62 8.40 -27.91 -3.73
C ILE A 62 8.63 -29.09 -2.79
N HIS A 63 9.89 -29.34 -2.48
CA HIS A 63 10.24 -30.45 -1.63
C HIS A 63 10.08 -30.07 -0.16
N THR A 64 9.64 -31.02 0.67
CA THR A 64 9.31 -30.73 2.05
C THR A 64 10.49 -30.15 2.82
N SER A 65 11.72 -30.33 2.33
CA SER A 65 12.88 -29.79 3.05
C SER A 65 12.87 -28.27 3.08
N VAL A 66 12.17 -27.62 2.14
N VAL A 66 12.18 -27.63 2.12
CA VAL A 66 12.14 -26.16 2.16
CA VAL A 66 12.03 -26.18 2.12
C VAL A 66 11.39 -25.62 3.37
C VAL A 66 11.48 -25.69 3.44
N TRP A 67 10.56 -26.44 4.03
CA TRP A 67 9.85 -25.97 5.22
C TRP A 67 10.59 -26.21 6.51
N ALA A 68 11.68 -26.98 6.48
CA ALA A 68 12.35 -27.37 7.72
C ALA A 68 12.78 -26.16 8.53
N GLY A 69 12.32 -26.10 9.78
CA GLY A 69 12.77 -25.07 10.70
C GLY A 69 12.14 -23.73 10.47
N GLN A 70 11.17 -23.66 9.57
CA GLN A 70 10.50 -22.41 9.28
C GLN A 70 9.19 -22.30 10.03
N LYS A 71 8.80 -21.06 10.33
CA LYS A 71 7.56 -20.70 10.99
C LYS A 71 6.58 -20.11 9.98
N ARG A 72 5.30 -20.12 10.36
CA ARG A 72 4.23 -19.48 9.60
C ARG A 72 4.25 -19.96 8.15
N LEU A 73 4.11 -21.28 7.98
CA LEU A 73 4.40 -21.86 6.66
C LEU A 73 3.40 -21.41 5.59
N SER A 74 2.12 -21.22 5.94
CA SER A 74 1.19 -20.76 4.91
C SER A 74 1.57 -19.39 4.37
N GLN A 75 2.08 -18.51 5.24
CA GLN A 75 2.57 -17.22 4.76
C GLN A 75 3.85 -17.39 3.96
N LEU A 76 4.77 -18.22 4.45
CA LEU A 76 6.01 -18.41 3.73
C LEU A 76 5.75 -18.97 2.35
N ALA A 77 4.77 -19.87 2.23
CA ALA A 77 4.48 -20.53 0.97
C ALA A 77 4.17 -19.50 -0.13
N LYS A 78 3.47 -18.44 0.23
CA LYS A 78 3.17 -17.44 -0.81
C LYS A 78 4.45 -16.74 -1.26
N TRP A 79 5.36 -16.45 -0.33
CA TRP A 79 6.60 -15.78 -0.69
C TRP A 79 7.56 -16.70 -1.42
N LYS A 80 7.62 -17.97 -1.02
CA LYS A 80 8.39 -18.96 -1.76
C LYS A 80 7.88 -19.09 -3.20
N THR A 81 6.56 -19.12 -3.37
CA THR A 81 5.97 -19.14 -4.71
C THR A 81 6.47 -17.95 -5.52
N ALA A 82 6.35 -16.74 -4.95
CA ALA A 82 6.79 -15.57 -5.67
C ALA A 82 8.27 -15.58 -5.95
N GLU A 83 9.10 -16.07 -5.01
CA GLU A 83 10.52 -16.20 -5.26
C GLU A 83 10.79 -17.11 -6.47
N GLU A 84 10.12 -18.26 -6.53
CA GLU A 84 10.36 -19.20 -7.61
C GLU A 84 9.84 -18.68 -8.95
N VAL A 85 8.70 -17.98 -8.97
CA VAL A 85 8.21 -17.43 -10.23
C VAL A 85 9.17 -16.36 -10.76
N SER A 86 9.65 -15.48 -9.88
N SER A 86 9.61 -15.46 -9.87
CA SER A 86 10.60 -14.47 -10.31
CA SER A 86 10.61 -14.46 -10.23
C SER A 86 11.91 -15.10 -10.77
C SER A 86 11.88 -15.12 -10.76
N ALA A 87 12.34 -16.19 -10.13
CA ALA A 87 13.53 -16.91 -10.61
C ALA A 87 13.27 -17.51 -12.00
N LEU A 88 12.07 -18.03 -12.23
CA LEU A 88 11.73 -18.56 -13.55
C LEU A 88 11.78 -17.47 -14.59
N VAL A 89 11.17 -16.31 -14.29
CA VAL A 89 11.17 -15.25 -15.28
C VAL A 89 12.59 -14.84 -15.63
N ARG A 90 13.45 -14.68 -14.62
CA ARG A 90 14.83 -14.23 -14.88
C ARG A 90 15.60 -15.27 -15.69
N SER A 91 15.21 -16.54 -15.58
CA SER A 91 15.88 -17.61 -16.31
C SER A 91 15.47 -17.62 -17.77
N LEU A 92 14.37 -16.97 -18.14
CA LEU A 92 13.91 -17.03 -19.52
C LEU A 92 14.57 -15.92 -20.33
N PRO A 93 14.88 -16.19 -21.60
CA PRO A 93 15.28 -15.10 -22.50
C PRO A 93 14.24 -13.98 -22.51
N LYS A 94 14.73 -12.76 -22.71
CA LYS A 94 13.87 -11.58 -22.68
C LYS A 94 12.64 -11.76 -23.56
N GLU A 95 12.81 -12.29 -24.77
CA GLU A 95 11.68 -12.44 -25.68
C GLU A 95 10.70 -13.52 -25.25
N GLU A 96 11.03 -14.32 -24.23
CA GLU A 96 10.14 -15.34 -23.69
C GLU A 96 9.52 -14.92 -22.36
N GLN A 97 9.97 -13.81 -21.79
CA GLN A 97 9.41 -13.41 -20.52
C GLN A 97 7.96 -12.92 -20.68
N PRO A 98 7.11 -13.14 -19.68
CA PRO A 98 5.72 -12.75 -19.81
C PRO A 98 5.56 -11.25 -19.68
N LYS A 99 4.52 -10.73 -20.34
N LYS A 99 4.52 -10.73 -20.34
CA LYS A 99 4.13 -9.35 -20.14
CA LYS A 99 4.12 -9.34 -20.16
C LYS A 99 3.14 -9.18 -18.99
C LYS A 99 3.12 -9.17 -19.03
N GLN A 100 2.42 -10.24 -18.64
CA GLN A 100 1.50 -10.26 -17.52
C GLN A 100 1.64 -11.58 -16.80
N ILE A 101 1.49 -11.55 -15.48
CA ILE A 101 1.33 -12.76 -14.67
C ILE A 101 0.00 -12.63 -13.94
N ILE A 102 -0.89 -13.59 -14.14
CA ILE A 102 -2.20 -13.62 -13.48
C ILE A 102 -2.18 -14.64 -12.33
N VAL A 103 -2.41 -14.16 -11.08
CA VAL A 103 -2.43 -15.05 -9.92
C VAL A 103 -3.86 -15.49 -9.64
N THR A 104 -4.03 -16.76 -9.34
CA THR A 104 -5.37 -17.29 -9.12
C THR A 104 -5.93 -16.95 -7.75
N ARG A 105 -5.07 -16.55 -6.80
CA ARG A 105 -5.50 -16.12 -5.46
C ARG A 105 -4.92 -14.74 -5.14
N LYS A 106 -5.80 -13.83 -4.69
CA LYS A 106 -5.36 -12.44 -4.48
C LYS A 106 -4.27 -12.31 -3.43
N ALA A 107 -4.15 -13.28 -2.52
CA ALA A 107 -3.08 -13.21 -1.53
C ALA A 107 -1.69 -13.32 -2.16
N MET A 108 -1.59 -13.75 -3.42
CA MET A 108 -0.31 -13.78 -4.09
C MET A 108 0.10 -12.42 -4.67
N LEU A 109 -0.78 -11.40 -4.65
CA LEU A 109 -0.44 -10.19 -5.37
C LEU A 109 0.75 -9.47 -4.76
N ASP A 110 0.72 -9.22 -3.45
CA ASP A 110 1.82 -8.44 -2.88
C ASP A 110 3.13 -9.24 -2.89
N PRO A 111 3.12 -10.53 -2.55
CA PRO A 111 4.40 -11.26 -2.62
C PRO A 111 5.00 -11.22 -4.01
N LEU A 112 4.18 -11.44 -5.03
CA LEU A 112 4.72 -11.45 -6.38
C LEU A 112 5.13 -10.05 -6.82
N GLU A 113 4.31 -9.04 -6.53
CA GLU A 113 4.73 -7.68 -6.88
C GLU A 113 6.08 -7.32 -6.28
N VAL A 114 6.29 -7.63 -4.98
CA VAL A 114 7.55 -7.31 -4.34
C VAL A 114 8.70 -8.07 -4.98
N HIS A 115 8.51 -9.36 -5.29
CA HIS A 115 9.62 -10.09 -5.90
C HIS A 115 9.91 -9.66 -7.33
N MET A 116 8.97 -8.99 -7.98
CA MET A 116 9.12 -8.60 -9.37
C MET A 116 9.38 -7.11 -9.53
N LEU A 117 9.89 -6.45 -8.48
CA LEU A 117 10.14 -5.00 -8.58
C LEU A 117 11.13 -4.67 -9.67
N ASP A 118 12.08 -5.56 -9.93
CA ASP A 118 13.03 -5.42 -11.02
C ASP A 118 12.36 -5.45 -12.39
N PHE A 119 11.11 -5.86 -12.50
CA PHE A 119 10.39 -5.99 -13.76
C PHE A 119 9.17 -5.09 -13.73
N PRO A 120 9.37 -3.77 -13.70
CA PRO A 120 8.22 -2.86 -13.59
C PRO A 120 7.25 -2.97 -14.73
N ASN A 121 7.67 -3.46 -15.89
CA ASN A 121 6.81 -3.56 -17.03
C ASN A 121 6.05 -4.89 -17.14
N ILE A 122 6.21 -5.81 -16.20
CA ILE A 122 5.39 -7.02 -16.15
C ILE A 122 4.21 -6.78 -15.22
N ALA A 123 3.00 -6.84 -15.75
CA ALA A 123 1.82 -6.57 -14.95
C ALA A 123 1.43 -7.79 -14.12
N ILE A 124 1.19 -7.57 -12.83
CA ILE A 124 0.71 -8.61 -11.92
C ILE A 124 -0.77 -8.37 -11.68
N ARG A 125 -1.59 -9.35 -12.03
CA ARG A 125 -3.03 -9.20 -12.12
C ARG A 125 -3.74 -10.27 -11.32
N PRO A 126 -4.82 -9.92 -10.63
CA PRO A 126 -5.71 -10.94 -10.08
C PRO A 126 -6.72 -11.40 -11.13
N THR A 127 -7.58 -12.33 -10.73
CA THR A 127 -8.67 -12.75 -11.60
C THR A 127 -9.93 -13.01 -10.78
N GLU A 128 -11.08 -12.70 -11.41
N GLU A 128 -11.08 -12.71 -11.40
CA GLU A 128 -12.38 -13.05 -10.88
CA GLU A 128 -12.36 -13.10 -10.82
C GLU A 128 -12.83 -14.45 -11.31
C GLU A 128 -12.81 -14.47 -11.27
N LEU A 129 -12.10 -15.09 -12.21
CA LEU A 129 -12.41 -16.47 -12.58
C LEU A 129 -12.04 -17.40 -11.42
N ARG A 130 -12.86 -18.42 -11.21
CA ARG A 130 -12.59 -19.42 -10.18
C ARG A 130 -12.06 -20.66 -10.89
N LEU A 131 -10.77 -20.65 -11.13
CA LEU A 131 -10.16 -21.65 -11.98
C LEU A 131 -9.83 -22.90 -11.17
N PRO A 132 -9.91 -24.06 -11.80
CA PRO A 132 -9.82 -25.29 -11.02
C PRO A 132 -8.42 -25.86 -10.98
N PHE A 133 -7.39 -25.02 -10.97
CA PHE A 133 -6.03 -25.53 -11.08
C PHE A 133 -5.59 -26.31 -9.84
N SER A 134 -6.28 -26.15 -8.70
CA SER A 134 -5.95 -27.00 -7.55
C SER A 134 -6.02 -28.48 -7.90
N ALA A 135 -6.87 -28.85 -8.81
CA ALA A 135 -6.99 -30.25 -9.20
C ALA A 135 -5.84 -30.74 -10.03
N ALA A 136 -4.77 -29.96 -10.23
CA ALA A 136 -3.66 -30.46 -11.04
C ALA A 136 -3.06 -31.72 -10.45
N MET A 137 -3.13 -31.88 -9.13
CA MET A 137 -2.56 -33.08 -8.56
C MET A 137 -3.47 -34.29 -8.72
N SER A 138 -4.64 -34.15 -9.36
CA SER A 138 -5.41 -35.30 -9.80
C SER A 138 -4.98 -35.83 -11.15
N ILE A 139 -4.04 -35.17 -11.82
CA ILE A 139 -3.46 -35.69 -13.06
C ILE A 139 -2.32 -36.61 -12.63
N ASP A 140 -2.45 -37.89 -12.98
CA ASP A 140 -1.62 -38.92 -12.36
C ASP A 140 -0.14 -38.66 -12.59
N LYS A 141 0.26 -38.32 -13.82
CA LYS A 141 1.69 -38.10 -14.09
C LYS A 141 2.23 -36.88 -13.35
N LEU A 142 1.40 -35.85 -13.12
CA LEU A 142 1.89 -34.71 -12.33
C LEU A 142 2.03 -35.08 -10.87
N SER A 143 1.02 -35.75 -10.29
CA SER A 143 1.11 -36.20 -8.92
C SER A 143 2.32 -37.12 -8.73
N ASP A 144 2.59 -37.98 -9.73
CA ASP A 144 3.69 -38.92 -9.58
C ASP A 144 5.03 -38.21 -9.48
N VAL A 145 5.28 -37.22 -10.33
CA VAL A 145 6.60 -36.60 -10.33
C VAL A 145 6.76 -35.76 -9.07
N VAL A 146 5.68 -35.16 -8.56
CA VAL A 146 5.79 -34.39 -7.32
C VAL A 146 6.09 -35.29 -6.16
N MET A 147 5.37 -36.41 -6.03
N MET A 147 5.38 -36.42 -6.03
N MET A 147 5.39 -36.42 -6.02
CA MET A 147 5.51 -37.32 -4.90
CA MET A 147 5.55 -37.29 -4.87
CA MET A 147 5.57 -37.29 -4.85
C MET A 147 6.87 -38.02 -4.90
C MET A 147 6.88 -38.03 -4.89
C MET A 147 6.91 -38.00 -4.88
N LYS A 148 7.44 -38.29 -6.07
CA LYS A 148 8.73 -38.98 -6.15
C LYS A 148 9.94 -38.07 -5.95
N ALA A 149 9.75 -36.75 -5.95
CA ALA A 149 10.88 -35.84 -5.87
C ALA A 149 11.58 -35.96 -4.54
N THR A 150 12.91 -36.04 -4.59
CA THR A 150 13.77 -36.08 -3.41
C THR A 150 14.52 -34.77 -3.21
N GLU A 151 14.34 -33.82 -4.12
CA GLU A 151 15.00 -32.52 -4.04
C GLU A 151 14.19 -31.55 -4.86
N PRO A 152 14.41 -30.24 -4.69
CA PRO A 152 13.75 -29.26 -5.56
C PRO A 152 14.03 -29.52 -7.03
N GLN A 153 12.99 -29.34 -7.86
CA GLN A 153 13.12 -29.71 -9.26
C GLN A 153 12.07 -28.96 -10.03
N MET A 154 12.39 -28.59 -11.26
CA MET A 154 11.43 -28.03 -12.22
C MET A 154 11.22 -29.03 -13.35
N VAL A 155 9.96 -29.30 -13.68
CA VAL A 155 9.64 -30.21 -14.79
C VAL A 155 8.71 -29.50 -15.75
N LEU A 156 8.98 -29.63 -17.05
CA LEU A 156 8.23 -28.91 -18.06
C LEU A 156 7.26 -29.88 -18.73
N PHE A 157 6.00 -29.45 -18.87
CA PHE A 157 5.01 -30.27 -19.54
C PHE A 157 4.28 -29.38 -20.53
N ASN A 158 3.58 -30.00 -21.48
CA ASN A 158 2.53 -29.32 -22.24
C ASN A 158 1.20 -29.91 -21.77
N ILE A 159 0.40 -29.11 -21.06
CA ILE A 159 -0.82 -29.63 -20.46
C ILE A 159 -1.93 -29.89 -21.47
N TYR A 160 -1.73 -29.51 -22.74
CA TYR A 160 -2.68 -29.71 -23.83
C TYR A 160 -2.32 -30.91 -24.67
N ASP A 161 -1.29 -31.66 -24.28
CA ASP A 161 -0.75 -32.74 -25.15
C ASP A 161 -0.60 -32.17 -26.55
N ASP A 162 -1.13 -32.82 -27.59
CA ASP A 162 -1.03 -32.40 -28.97
C ASP A 162 -2.30 -31.75 -29.45
N TRP A 163 -3.17 -31.29 -28.52
CA TRP A 163 -4.50 -30.84 -28.93
C TRP A 163 -4.42 -29.65 -29.88
N LEU A 164 -3.42 -28.79 -29.73
CA LEU A 164 -3.35 -27.59 -30.53
C LEU A 164 -3.12 -27.89 -32.01
N ASP A 165 -2.74 -29.11 -32.36
CA ASP A 165 -2.70 -29.49 -33.78
C ASP A 165 -4.08 -29.49 -34.41
N ARG A 166 -5.12 -29.65 -33.60
CA ARG A 166 -6.47 -29.83 -34.12
C ARG A 166 -7.46 -28.77 -33.65
N ILE A 167 -7.20 -28.08 -32.52
CA ILE A 167 -8.13 -27.11 -31.96
C ILE A 167 -7.37 -25.85 -31.57
N SER A 168 -8.13 -24.78 -31.33
CA SER A 168 -7.55 -23.52 -30.93
C SER A 168 -7.21 -23.53 -29.45
N SER A 169 -6.38 -22.57 -29.05
N SER A 169 -6.41 -22.55 -29.03
CA SER A 169 -6.06 -22.40 -27.64
CA SER A 169 -6.06 -22.46 -27.61
C SER A 169 -7.32 -22.16 -26.82
C SER A 169 -7.27 -22.08 -26.75
N TYR A 170 -8.22 -21.29 -27.29
CA TYR A 170 -9.44 -21.06 -26.54
C TYR A 170 -10.13 -22.37 -26.24
N THR A 171 -10.27 -23.23 -27.25
CA THR A 171 -10.99 -24.49 -27.08
C THR A 171 -10.19 -25.44 -26.20
N ALA A 172 -8.87 -25.42 -26.33
CA ALA A 172 -8.04 -26.29 -25.48
C ALA A 172 -8.13 -25.89 -24.01
N PHE A 173 -8.10 -24.59 -23.72
CA PHE A 173 -8.25 -24.14 -22.34
C PHE A 173 -9.61 -24.53 -21.79
N SER A 174 -10.67 -24.37 -22.58
CA SER A 174 -12.00 -24.76 -22.12
C SER A 174 -12.08 -26.26 -21.82
N ARG A 175 -11.44 -27.08 -22.64
CA ARG A 175 -11.41 -28.51 -22.35
C ARG A 175 -10.64 -28.76 -21.07
N LEU A 176 -9.48 -28.12 -20.94
CA LEU A 176 -8.66 -28.32 -19.75
C LEU A 176 -9.43 -27.94 -18.50
N THR A 177 -10.09 -26.76 -18.52
CA THR A 177 -10.76 -26.32 -17.31
C THR A 177 -11.99 -27.19 -17.04
N LEU A 178 -12.62 -27.75 -18.07
CA LEU A 178 -13.70 -28.70 -17.82
C LEU A 178 -13.19 -30.00 -17.19
N LEU A 179 -12.09 -30.52 -17.71
CA LEU A 179 -11.52 -31.73 -17.13
C LEU A 179 -11.14 -31.50 -15.67
N LEU A 180 -10.50 -30.37 -15.39
CA LEU A 180 -10.03 -30.11 -14.03
C LEU A 180 -11.18 -29.80 -13.07
N ARG A 181 -12.19 -29.06 -13.53
CA ARG A 181 -13.38 -28.87 -12.73
C ARG A 181 -14.06 -30.19 -12.37
N ALA A 182 -14.12 -31.12 -13.31
CA ALA A 182 -14.70 -32.43 -13.02
C ALA A 182 -13.86 -33.17 -11.98
N LEU A 183 -12.54 -33.23 -12.20
CA LEU A 183 -11.66 -33.91 -11.26
C LEU A 183 -11.76 -33.30 -9.87
N LYS A 184 -12.01 -32.00 -9.79
CA LYS A 184 -12.14 -31.35 -8.50
C LYS A 184 -13.48 -31.65 -7.82
N THR A 185 -14.56 -31.83 -8.58
N THR A 185 -14.54 -31.84 -8.59
CA THR A 185 -15.86 -32.05 -7.96
CA THR A 185 -15.87 -32.04 -8.00
C THR A 185 -16.08 -33.51 -7.57
C THR A 185 -16.12 -33.50 -7.62
N ASN A 186 -15.60 -34.44 -8.41
CA ASN A 186 -15.72 -35.86 -8.10
C ASN A 186 -14.57 -36.58 -8.81
N GLU A 187 -13.43 -36.67 -8.12
CA GLU A 187 -12.23 -37.22 -8.74
C GLU A 187 -12.44 -38.67 -9.20
N GLU A 188 -13.08 -39.50 -8.37
CA GLU A 188 -13.25 -40.90 -8.75
C GLU A 188 -14.07 -41.02 -10.03
N SER A 189 -15.22 -40.36 -10.06
CA SER A 189 -16.05 -40.42 -11.25
C SER A 189 -15.31 -39.89 -12.46
N ALA A 190 -14.70 -38.71 -12.33
CA ALA A 190 -13.98 -38.13 -13.47
C ALA A 190 -12.93 -39.09 -14.00
N LYS A 191 -12.14 -39.70 -13.10
CA LYS A 191 -11.09 -40.60 -13.56
C LYS A 191 -11.69 -41.86 -14.19
N MET A 192 -12.83 -42.35 -13.68
CA MET A 192 -13.51 -43.45 -14.36
CA MET A 192 -13.52 -43.45 -14.36
C MET A 192 -13.86 -43.08 -15.79
N ILE A 193 -14.43 -41.89 -15.99
CA ILE A 193 -14.80 -41.46 -17.34
C ILE A 193 -13.60 -41.50 -18.26
N LEU A 194 -12.46 -40.98 -17.79
CA LEU A 194 -11.30 -40.80 -18.67
C LEU A 194 -10.66 -42.13 -19.03
N LEU A 195 -10.80 -43.16 -18.19
CA LEU A 195 -10.06 -44.40 -18.39
C LEU A 195 -10.99 -45.62 -18.42
N SER A 196 -12.28 -45.44 -18.69
CA SER A 196 -13.20 -46.58 -18.65
C SER A 196 -12.95 -47.53 -19.82
N ASP A 197 -12.49 -47.01 -20.96
CA ASP A 197 -12.36 -47.80 -22.19
C ASP A 197 -10.89 -48.20 -22.37
N PRO A 198 -10.52 -49.46 -22.12
CA PRO A 198 -9.09 -49.81 -22.10
C PRO A 198 -8.39 -49.67 -23.45
N THR A 199 -9.12 -49.46 -24.54
CA THR A 199 -8.48 -49.37 -25.85
C THR A 199 -7.96 -47.98 -26.16
N ILE A 200 -8.28 -46.97 -25.34
CA ILE A 200 -7.73 -45.63 -25.47
C ILE A 200 -6.66 -45.48 -24.41
N THR A 201 -5.44 -45.21 -24.84
CA THR A 201 -4.30 -45.16 -23.94
C THR A 201 -3.78 -43.74 -23.85
N ILE A 202 -2.91 -43.52 -22.87
CA ILE A 202 -2.16 -42.29 -22.71
C ILE A 202 -0.76 -42.50 -23.27
N LYS A 203 -0.38 -41.70 -24.25
CA LYS A 203 0.96 -41.85 -24.82
C LYS A 203 1.99 -41.55 -23.73
N SER A 204 3.17 -42.16 -23.86
CA SER A 204 4.23 -41.96 -22.85
C SER A 204 4.52 -40.47 -22.64
N TYR A 205 4.48 -39.68 -23.72
CA TYR A 205 4.86 -38.29 -23.71
C TYR A 205 3.65 -37.37 -23.52
N HIS A 206 2.52 -37.93 -23.11
CA HIS A 206 1.28 -37.18 -22.88
C HIS A 206 0.75 -37.35 -21.46
N LEU A 207 -0.21 -36.48 -21.13
CA LEU A 207 -0.84 -36.53 -19.83
C LEU A 207 -2.24 -37.11 -19.85
N TRP A 208 -2.96 -36.98 -20.97
CA TRP A 208 -4.36 -37.34 -21.13
C TRP A 208 -4.47 -38.44 -22.19
N PRO A 209 -5.57 -39.16 -22.23
CA PRO A 209 -5.73 -40.21 -23.24
C PRO A 209 -5.84 -39.67 -24.65
N SER A 210 -5.56 -40.58 -25.59
CA SER A 210 -5.49 -40.25 -27.02
C SER A 210 -6.87 -40.39 -27.68
N PHE A 211 -7.77 -39.50 -27.28
CA PHE A 211 -9.14 -39.52 -27.78
C PHE A 211 -9.21 -38.96 -29.19
N THR A 212 -10.02 -39.60 -30.03
CA THR A 212 -10.41 -38.97 -31.29
C THR A 212 -11.30 -37.78 -31.02
N ASP A 213 -11.45 -36.94 -32.05
CA ASP A 213 -12.35 -35.80 -31.97
C ASP A 213 -13.75 -36.21 -31.49
N GLU A 214 -14.28 -37.32 -32.03
CA GLU A 214 -15.62 -37.72 -31.63
C GLU A 214 -15.65 -38.19 -30.19
N GLN A 215 -14.62 -38.93 -29.79
CA GLN A 215 -14.54 -39.39 -28.42
C GLN A 215 -14.39 -38.22 -27.44
N TRP A 216 -13.70 -37.15 -27.84
CA TRP A 216 -13.61 -35.99 -26.94
C TRP A 216 -14.99 -35.38 -26.72
N ILE A 217 -15.84 -35.37 -27.75
CA ILE A 217 -17.18 -34.83 -27.56
C ILE A 217 -17.95 -35.67 -26.56
N THR A 218 -17.85 -36.98 -26.68
CA THR A 218 -18.49 -37.85 -25.68
C THR A 218 -17.90 -37.58 -24.30
N ILE A 219 -16.57 -37.64 -24.19
CA ILE A 219 -15.90 -37.37 -22.92
C ILE A 219 -16.38 -36.05 -22.32
N GLU A 220 -16.30 -34.97 -23.11
CA GLU A 220 -16.69 -33.66 -22.59
C GLU A 220 -18.14 -33.65 -22.13
N SER A 221 -19.02 -34.35 -22.87
N SER A 221 -19.02 -34.32 -22.87
CA SER A 221 -20.40 -34.44 -22.44
CA SER A 221 -20.41 -34.42 -22.42
C SER A 221 -20.51 -35.14 -21.10
C SER A 221 -20.49 -35.12 -21.08
N GLN A 222 -19.74 -36.21 -20.90
CA GLN A 222 -19.81 -36.95 -19.65
C GLN A 222 -19.28 -36.13 -18.48
N MET A 223 -18.35 -35.23 -18.73
CA MET A 223 -17.83 -34.38 -17.66
C MET A 223 -18.84 -33.32 -17.25
N ARG A 224 -19.52 -32.72 -18.23
N ARG A 224 -19.55 -32.74 -18.22
CA ARG A 224 -20.60 -31.79 -17.91
CA ARG A 224 -20.59 -31.77 -17.89
C ARG A 224 -21.70 -32.46 -17.10
C ARG A 224 -21.74 -32.43 -17.13
N ASP A 225 -22.11 -33.66 -17.52
CA ASP A 225 -23.09 -34.42 -16.74
CA ASP A 225 -23.10 -34.42 -16.74
C ASP A 225 -22.64 -34.59 -15.30
N LEU A 226 -21.39 -35.03 -15.11
CA LEU A 226 -20.84 -35.23 -13.77
C LEU A 226 -20.94 -33.96 -12.95
N ILE A 227 -20.49 -32.84 -13.52
CA ILE A 227 -20.46 -31.58 -12.79
C ILE A 227 -21.87 -31.17 -12.40
N LEU A 228 -22.82 -31.35 -13.31
CA LEU A 228 -24.21 -31.02 -13.03
C LEU A 228 -24.81 -31.96 -11.99
N THR A 229 -24.64 -33.26 -12.20
CA THR A 229 -25.00 -34.26 -11.19
C THR A 229 -24.53 -33.80 -9.81
N GLU A 230 -23.23 -33.88 -9.56
CA GLU A 230 -22.65 -33.49 -8.28
C GLU A 230 -23.23 -32.19 -7.76
N TYR A 231 -23.54 -31.28 -8.68
CA TYR A 231 -24.17 -30.03 -8.27
C TYR A 231 -25.57 -30.27 -7.73
N GLY A 232 -26.23 -31.33 -8.18
CA GLY A 232 -27.51 -31.75 -7.62
C GLY A 232 -27.30 -32.56 -6.35
N ARG A 233 -26.58 -33.68 -6.45
CA ARG A 233 -26.20 -34.47 -5.29
C ARG A 233 -25.77 -33.56 -4.14
N LYS A 234 -25.13 -32.43 -4.47
CA LYS A 234 -24.71 -31.48 -3.45
C LYS A 234 -25.92 -30.74 -2.89
N TYR A 235 -26.50 -29.85 -3.71
CA TYR A 235 -27.61 -29.00 -3.27
C TYR A 235 -28.96 -29.72 -3.29
N ASN A 236 -29.01 -30.98 -3.76
CA ASN A 236 -30.27 -31.71 -3.88
C ASN A 236 -31.22 -31.00 -4.84
N VAL A 237 -31.09 -31.28 -6.14
CA VAL A 237 -31.95 -30.69 -7.17
C VAL A 237 -32.22 -31.70 -8.27
N MET B 5 8.13 38.55 22.82
CA MET B 5 6.84 38.48 22.06
C MET B 5 6.87 39.33 20.78
N ASN B 6 6.52 38.72 19.64
CA ASN B 6 6.59 39.39 18.35
C ASN B 6 5.20 39.63 17.76
N THR B 7 5.17 40.36 16.65
CA THR B 7 3.97 40.93 16.09
C THR B 7 3.97 40.72 14.59
N VAL B 8 2.81 40.40 14.04
CA VAL B 8 2.62 40.36 12.59
C VAL B 8 1.50 41.35 12.27
N PRO B 9 1.80 42.71 11.86
CA PRO B 9 0.91 44.06 11.45
C PRO B 9 0.25 43.58 10.14
N PHE B 10 -0.95 44.06 9.90
CA PHE B 10 -1.75 43.83 8.67
C PHE B 10 -1.90 45.25 8.15
N THR B 11 -1.67 45.49 6.87
CA THR B 11 -1.84 46.83 6.28
C THR B 11 -3.31 47.21 6.43
N SER B 12 -4.21 46.27 6.16
CA SER B 12 -5.68 46.42 6.27
C SER B 12 -6.34 45.05 6.10
N ALA B 13 -7.65 44.98 6.28
CA ALA B 13 -8.46 43.78 6.00
C ALA B 13 -9.61 44.11 5.06
N PRO B 14 -9.34 44.17 3.76
CA PRO B 14 -10.39 44.63 2.82
C PRO B 14 -11.45 43.58 2.50
N ILE B 15 -11.20 42.30 2.74
CA ILE B 15 -12.24 41.31 2.51
C ILE B 15 -12.47 40.50 3.77
N GLU B 16 -13.72 40.15 3.97
CA GLU B 16 -14.15 39.35 5.09
C GLU B 16 -13.46 37.99 5.04
N VAL B 17 -12.90 37.59 6.19
CA VAL B 17 -12.01 36.43 6.20
C VAL B 17 -12.00 35.87 7.61
N THR B 18 -11.92 34.54 7.70
CA THR B 18 -11.55 33.88 8.96
C THR B 18 -10.04 33.70 8.98
N ILE B 19 -9.39 34.22 10.03
CA ILE B 19 -7.94 34.18 10.15
C ILE B 19 -7.58 33.18 11.24
N GLY B 20 -6.67 32.27 10.92
CA GLY B 20 -6.09 31.39 11.91
C GLY B 20 -4.68 31.81 12.30
N ILE B 21 -4.35 31.60 13.57
CA ILE B 21 -2.97 31.72 14.00
C ILE B 21 -2.74 30.48 14.84
N ASP B 22 -1.92 29.58 14.37
CA ASP B 22 -1.73 28.28 15.02
C ASP B 22 -3.11 27.66 15.22
N GLN B 23 -3.44 27.14 16.39
CA GLN B 23 -4.69 26.42 16.61
C GLN B 23 -5.87 27.35 16.91
N TYR B 24 -5.68 28.66 16.85
CA TYR B 24 -6.71 29.64 17.14
C TYR B 24 -7.24 30.26 15.86
N SER B 25 -8.42 30.90 15.96
CA SER B 25 -9.04 31.49 14.76
C SER B 25 -10.06 32.54 15.17
N PHE B 26 -10.25 33.53 14.30
CA PHE B 26 -11.20 34.59 14.57
C PHE B 26 -11.67 35.16 13.25
N ASN B 27 -12.85 35.76 13.28
CA ASN B 27 -13.49 36.28 12.07
C ASN B 27 -13.22 37.76 11.97
N VAL B 28 -12.92 38.22 10.74
CA VAL B 28 -12.71 39.64 10.48
C VAL B 28 -13.69 40.09 9.41
N LYS B 29 -14.39 41.19 9.67
CA LYS B 29 -15.39 41.61 8.69
C LYS B 29 -14.76 42.46 7.58
N GLU B 30 -15.50 42.56 6.47
CA GLU B 30 -15.05 43.36 5.33
C GLU B 30 -14.74 44.79 5.78
N ASN B 31 -13.51 45.23 5.55
CA ASN B 31 -13.04 46.57 5.90
C ASN B 31 -13.13 46.85 7.41
N GLN B 32 -13.05 45.81 8.23
CA GLN B 32 -12.95 46.01 9.66
C GLN B 32 -11.56 46.55 10.02
N PRO B 33 -11.47 47.44 11.03
CA PRO B 33 -10.18 48.05 11.39
C PRO B 33 -9.24 47.10 12.13
N PHE B 34 -8.87 46.02 11.45
CA PHE B 34 -7.99 45.00 11.99
C PHE B 34 -6.57 45.25 11.53
N HIS B 35 -5.58 45.33 12.41
CA HIS B 35 -4.19 45.60 12.00
C HIS B 35 -3.22 44.55 12.52
N GLY B 36 -3.67 43.36 12.92
CA GLY B 36 -2.73 42.26 13.04
C GLY B 36 -2.82 41.55 14.37
N ILE B 37 -1.77 40.76 14.62
CA ILE B 37 -1.68 39.82 15.74
C ILE B 37 -0.42 40.12 16.54
N LYS B 38 -0.58 40.35 17.84
CA LYS B 38 0.53 40.66 18.72
C LYS B 38 0.71 39.53 19.73
N ASP B 39 1.79 39.64 20.53
CA ASP B 39 2.10 38.71 21.62
C ASP B 39 2.32 37.28 21.14
N ILE B 40 2.88 37.14 19.94
CA ILE B 40 3.19 35.82 19.38
C ILE B 40 4.43 35.26 20.04
N PRO B 41 4.35 34.07 20.64
CA PRO B 41 5.48 33.52 21.38
C PRO B 41 6.70 33.26 20.50
N ILE B 42 7.80 33.72 21.00
CA ILE B 42 9.09 33.45 20.41
C ILE B 42 9.53 32.05 20.83
N GLY B 43 10.14 31.35 19.88
CA GLY B 43 10.73 30.07 20.15
C GLY B 43 10.13 28.96 19.35
N HIS B 44 9.02 29.24 18.65
CA HIS B 44 8.29 28.23 17.91
C HIS B 44 8.12 28.72 16.48
N VAL B 45 7.89 27.79 15.58
N VAL B 45 7.98 27.79 15.55
CA VAL B 45 7.38 28.12 14.25
CA VAL B 45 7.37 28.20 14.26
C VAL B 45 5.86 28.29 14.34
C VAL B 45 5.90 28.51 14.51
N HIS B 46 5.32 29.23 13.56
CA HIS B 46 3.92 29.54 13.63
C HIS B 46 3.34 29.46 12.23
N VAL B 47 2.02 29.42 12.16
CA VAL B 47 1.34 29.46 10.87
C VAL B 47 0.17 30.44 10.98
N ILE B 48 0.05 31.33 9.98
N ILE B 48 0.10 31.37 10.02
CA ILE B 48 -1.06 32.25 9.93
CA ILE B 48 -1.05 32.28 9.91
C ILE B 48 -1.83 31.93 8.65
C ILE B 48 -1.80 31.84 8.67
N HIS B 49 -3.12 31.69 8.79
CA HIS B 49 -3.87 31.07 7.71
C HIS B 49 -5.24 31.69 7.55
N PHE B 50 -5.82 31.44 6.37
CA PHE B 50 -6.90 32.28 5.88
C PHE B 50 -7.95 31.43 5.20
N GLN B 51 -9.20 31.80 5.41
CA GLN B 51 -10.30 31.24 4.61
C GLN B 51 -11.28 32.36 4.32
N HIS B 52 -11.41 32.71 3.04
CA HIS B 52 -12.27 33.84 2.74
C HIS B 52 -13.73 33.48 3.00
N ALA B 53 -14.51 34.50 3.36
CA ALA B 53 -15.90 34.29 3.69
C ALA B 53 -16.72 33.92 2.46
N ASP B 54 -16.30 34.40 1.29
CA ASP B 54 -17.08 34.21 0.07
C ASP B 54 -16.68 32.98 -0.69
N ASN B 55 -15.47 32.46 -0.48
CA ASN B 55 -14.99 31.26 -1.15
C ASN B 55 -14.20 30.47 -0.12
N SER B 56 -14.91 29.62 0.62
CA SER B 56 -14.24 28.69 1.52
C SER B 56 -13.33 27.73 0.77
N SER B 57 -13.37 27.74 -0.57
CA SER B 57 -12.38 27.01 -1.33
C SER B 57 -11.01 27.67 -1.16
N MET B 58 -9.98 26.85 -1.12
N MET B 58 -10.00 26.82 -1.07
CA MET B 58 -8.63 27.33 -0.84
CA MET B 58 -8.62 27.25 -0.84
C MET B 58 -8.56 27.93 0.57
C MET B 58 -8.47 27.90 0.52
N ARG B 59 -8.31 27.08 1.56
CA ARG B 59 -7.62 27.56 2.75
C ARG B 59 -6.16 27.75 2.34
N TYR B 60 -5.50 28.79 2.82
CA TYR B 60 -4.09 28.99 2.49
C TYR B 60 -3.43 29.68 3.68
N GLY B 61 -2.10 29.65 3.70
CA GLY B 61 -1.43 30.28 4.85
C GLY B 61 0.09 30.26 4.73
N TYR B 62 0.74 30.77 5.79
CA TYR B 62 2.17 31.01 5.75
C TYR B 62 2.80 30.48 7.02
N TRP B 63 3.82 29.65 6.87
CA TRP B 63 4.66 29.24 7.98
C TRP B 63 5.81 30.23 8.15
N PHE B 64 6.07 30.63 9.41
CA PHE B 64 7.09 31.63 9.68
C PHE B 64 7.61 31.48 11.11
N ASP B 65 8.72 32.15 11.35
CA ASP B 65 9.43 32.18 12.63
C ASP B 65 9.90 33.62 12.78
N CYS B 66 9.32 34.35 13.73
CA CYS B 66 9.59 35.78 13.90
C CYS B 66 11.05 36.07 14.23
N ARG B 67 11.83 35.07 14.61
CA ARG B 67 13.24 35.30 14.83
C ARG B 67 13.99 35.53 13.52
N MET B 68 13.37 35.21 12.39
N MET B 68 13.37 35.19 12.40
CA MET B 68 14.04 35.25 11.10
CA MET B 68 14.03 35.24 11.09
C MET B 68 13.78 36.52 10.32
C MET B 68 13.77 36.52 10.31
N GLY B 69 12.95 37.42 10.82
CA GLY B 69 12.67 38.65 10.12
C GLY B 69 11.40 39.27 10.66
N ASN B 70 11.11 40.49 10.18
CA ASN B 70 9.89 41.21 10.49
C ASN B 70 8.90 40.99 9.35
N PHE B 71 7.80 40.33 9.65
CA PHE B 71 6.83 39.93 8.64
C PHE B 71 5.51 40.63 8.87
N TYR B 72 4.79 40.94 7.79
CA TYR B 72 3.47 41.58 7.87
C TYR B 72 2.61 40.98 6.76
N ILE B 73 1.32 41.21 6.84
CA ILE B 73 0.35 40.69 5.84
C ILE B 73 -0.29 41.88 5.15
N GLN B 74 -0.38 41.85 3.83
CA GLN B 74 -1.12 42.89 3.11
C GLN B 74 -1.93 42.17 2.05
N TYR B 75 -3.15 42.58 1.86
CA TYR B 75 -4.03 42.00 0.84
C TYR B 75 -3.61 42.51 -0.52
N ASP B 76 -3.59 41.59 -1.50
CA ASP B 76 -3.37 41.92 -2.91
C ASP B 76 -4.68 41.83 -3.71
N PRO B 77 -5.23 42.95 -4.17
CA PRO B 77 -6.51 42.89 -4.92
C PRO B 77 -6.38 42.28 -6.30
N LYS B 78 -5.16 42.09 -6.81
CA LYS B 78 -5.02 41.52 -8.15
C LYS B 78 -5.03 40.01 -8.04
N ASP B 79 -4.15 39.46 -7.17
CA ASP B 79 -4.15 38.02 -6.96
C ASP B 79 -5.22 37.55 -5.97
N GLY B 80 -5.89 38.47 -5.28
CA GLY B 80 -7.03 38.11 -4.48
C GLY B 80 -6.69 37.31 -3.22
N LEU B 81 -5.56 37.60 -2.60
CA LEU B 81 -5.29 36.92 -1.33
C LEU B 81 -4.46 37.79 -0.40
N TYR B 82 -4.50 37.39 0.86
CA TYR B 82 -3.66 38.01 1.86
C TYR B 82 -2.25 37.46 1.72
N LYS B 83 -1.27 38.33 1.48
CA LYS B 83 0.10 37.89 1.27
C LYS B 83 1.01 38.24 2.44
N MET B 84 1.92 37.35 2.78
CA MET B 84 2.96 37.67 3.76
C MET B 84 4.11 38.34 3.03
N MET B 85 4.67 39.36 3.66
CA MET B 85 5.83 40.06 3.14
C MET B 85 6.80 40.31 4.28
N GLU B 86 8.05 40.57 3.93
CA GLU B 86 9.08 40.92 4.90
C GLU B 86 9.38 42.41 4.77
N GLU B 87 9.44 43.13 5.91
CA GLU B 87 9.77 44.56 6.00
C GLU B 87 11.25 44.59 6.40
N ARG B 88 12.14 45.07 5.54
CA ARG B 88 13.57 45.13 5.83
C ARG B 88 13.96 46.37 6.63
N ASP B 89 13.14 47.42 6.63
CA ASP B 89 13.42 48.64 7.42
C ASP B 89 12.92 48.42 8.84
N GLY B 90 13.84 48.01 9.73
CA GLY B 90 13.45 47.66 11.08
C GLY B 90 12.82 48.80 11.87
N ALA B 91 13.23 50.04 11.58
CA ALA B 91 12.70 51.18 12.30
C ALA B 91 11.32 51.55 11.79
N LYS B 92 11.06 51.39 10.52
CA LYS B 92 9.73 51.64 9.93
C LYS B 92 8.76 50.65 10.58
N PHE B 93 9.19 49.39 10.67
CA PHE B 93 8.39 48.28 11.22
C PHE B 93 8.07 48.52 12.69
N GLU B 94 9.08 48.80 13.52
CA GLU B 94 8.81 49.04 14.94
C GLU B 94 7.85 50.21 15.11
N ASN B 95 7.97 51.22 14.24
CA ASN B 95 7.10 52.39 14.32
C ASN B 95 5.67 52.04 13.92
N ILE B 96 5.51 51.18 12.93
CA ILE B 96 4.18 50.72 12.45
C ILE B 96 3.53 49.95 13.60
N VAL B 97 4.25 49.00 14.18
CA VAL B 97 3.69 48.14 15.21
C VAL B 97 3.30 48.97 16.44
N HIS B 98 4.22 49.82 16.90
CA HIS B 98 3.91 50.61 18.09
C HIS B 98 2.65 51.47 17.91
N ASN B 99 2.48 52.09 16.74
CA ASN B 99 1.26 52.87 16.49
C ASN B 99 0.01 51.97 16.55
N PHE B 100 0.08 50.79 15.93
CA PHE B 100 -1.07 49.85 15.87
C PHE B 100 -1.41 49.39 17.28
N LYS B 101 -0.40 49.10 18.10
CA LYS B 101 -0.64 48.70 19.49
C LYS B 101 -1.25 49.84 20.29
N GLU B 102 -0.73 51.06 20.14
CA GLU B 102 -1.28 52.20 20.86
C GLU B 102 -2.76 52.40 20.54
N ARG B 103 -3.15 52.19 19.28
CA ARG B 103 -4.54 52.30 18.89
C ARG B 103 -5.34 51.02 19.15
N GLN B 104 -4.71 50.00 19.75
CA GLN B 104 -5.36 48.73 20.13
C GLN B 104 -6.10 48.10 18.93
N MET B 105 -5.43 48.09 17.79
CA MET B 105 -6.00 47.55 16.56
C MET B 105 -5.59 46.11 16.30
N MET B 106 -5.03 45.41 17.29
CA MET B 106 -4.48 44.08 17.11
C MET B 106 -5.08 43.09 18.09
N VAL B 107 -5.24 41.86 17.62
CA VAL B 107 -5.64 40.73 18.46
C VAL B 107 -4.39 40.17 19.14
N SER B 108 -4.56 39.68 20.34
CA SER B 108 -3.48 39.11 21.09
C SER B 108 -3.47 37.60 20.92
N TYR B 109 -2.31 37.04 20.63
CA TYR B 109 -2.19 35.60 20.58
C TYR B 109 -2.68 35.03 21.90
N PRO B 110 -3.73 34.25 21.91
CA PRO B 110 -4.43 34.03 23.17
C PRO B 110 -4.02 32.76 23.85
N LYS B 111 -2.76 32.70 24.29
CA LYS B 111 -2.21 31.49 24.90
C LYS B 111 -2.53 31.46 26.39
N ILE B 112 -3.19 30.38 26.82
CA ILE B 112 -3.33 30.05 28.23
C ILE B 112 -1.99 29.62 28.79
N ASP B 113 -1.66 30.09 30.00
CA ASP B 113 -0.32 29.84 30.52
C ASP B 113 -0.06 28.34 30.72
N GLU B 114 -1.06 27.60 31.23
CA GLU B 114 -0.92 26.16 31.43
C GLU B 114 -0.67 25.38 30.14
N ASP B 115 -0.92 25.98 28.98
CA ASP B 115 -1.22 25.24 27.76
C ASP B 115 0.02 25.04 26.90
N ASP B 116 0.45 23.77 26.76
CA ASP B 116 1.61 23.43 25.96
C ASP B 116 1.21 22.88 24.58
N THR B 117 -0.05 23.02 24.18
CA THR B 117 -0.48 22.38 22.94
C THR B 117 0.41 22.69 21.75
N TRP B 118 0.69 23.98 21.51
CA TRP B 118 1.41 24.31 20.27
C TRP B 118 2.84 23.78 20.33
N TYR B 119 3.52 23.94 21.47
CA TYR B 119 4.84 23.30 21.61
C TYR B 119 4.75 21.81 21.29
N ASN B 120 3.73 21.15 21.81
CA ASN B 120 3.66 19.69 21.67
C ASN B 120 3.42 19.33 20.20
N LEU B 121 2.75 20.20 19.47
CA LEU B 121 2.48 19.91 18.05
C LEU B 121 3.63 20.28 17.12
N THR B 122 4.54 21.14 17.57
CA THR B 122 5.64 21.64 16.74
C THR B 122 7.02 21.32 17.32
N GLU B 123 7.10 20.42 18.31
CA GLU B 123 8.34 20.18 19.04
C GLU B 123 9.54 20.02 18.12
N PHE B 124 9.41 19.24 17.02
CA PHE B 124 10.53 18.94 16.16
C PHE B 124 10.49 19.70 14.83
N VAL B 125 9.56 20.64 14.67
CA VAL B 125 9.38 21.36 13.42
C VAL B 125 10.30 22.57 13.42
N GLN B 126 11.11 22.69 12.38
N GLN B 126 11.15 22.66 12.41
CA GLN B 126 12.09 23.76 12.26
CA GLN B 126 12.09 23.74 12.23
C GLN B 126 11.92 24.47 10.92
C GLN B 126 11.81 24.47 10.93
N MET B 127 11.92 25.80 10.96
CA MET B 127 11.72 26.58 9.75
C MET B 127 12.68 26.18 8.64
N ASP B 128 13.92 25.83 8.97
CA ASP B 128 14.84 25.48 7.89
C ASP B 128 14.39 24.21 7.18
N LYS B 129 13.77 23.28 7.90
CA LYS B 129 13.30 22.08 7.19
C LYS B 129 12.02 22.36 6.42
N ILE B 130 11.11 23.18 6.97
CA ILE B 130 9.94 23.60 6.21
C ILE B 130 10.36 24.17 4.86
N ARG B 131 11.43 24.99 4.84
CA ARG B 131 11.80 25.69 3.62
C ARG B 131 12.41 24.74 2.59
N LYS B 132 12.84 23.54 3.00
CA LYS B 132 13.27 22.53 2.03
C LYS B 132 12.09 21.72 1.50
N ILE B 133 11.05 21.50 2.30
CA ILE B 133 9.83 20.87 1.79
C ILE B 133 9.08 21.82 0.87
N VAL B 134 9.02 23.12 1.22
CA VAL B 134 8.31 24.15 0.45
C VAL B 134 9.35 25.08 -0.16
N ARG B 135 9.65 24.95 -1.45
CA ARG B 135 10.80 25.63 -2.04
C ARG B 135 10.40 26.96 -2.63
N LYS B 136 10.82 28.06 -1.97
CA LYS B 136 10.69 29.42 -2.52
C LYS B 136 11.78 30.28 -1.86
N ASP B 137 13.02 30.10 -2.32
CA ASP B 137 14.19 30.48 -1.54
C ASP B 137 14.25 31.98 -1.27
N GLU B 138 13.58 32.80 -2.07
CA GLU B 138 13.69 34.24 -1.88
C GLU B 138 12.90 34.76 -0.67
N ASN B 139 11.98 33.96 -0.11
CA ASN B 139 11.27 34.35 1.10
C ASN B 139 11.71 33.50 2.29
N GLN B 140 11.67 34.12 3.48
CA GLN B 140 11.97 33.44 4.73
C GLN B 140 10.80 32.66 5.32
N PHE B 141 9.62 32.81 4.74
CA PHE B 141 8.38 32.20 5.20
C PHE B 141 7.90 31.33 4.05
N SER B 142 6.96 30.42 4.35
CA SER B 142 6.54 29.41 3.38
C SER B 142 5.03 29.36 3.21
N TYR B 143 4.58 29.50 1.96
CA TYR B 143 3.17 29.42 1.61
C TYR B 143 2.73 27.98 1.38
N VAL B 144 1.58 27.62 1.98
CA VAL B 144 0.94 26.33 1.74
C VAL B 144 -0.55 26.56 1.56
N ASP B 145 -1.20 25.74 0.69
CA ASP B 145 -2.65 25.80 0.57
C ASP B 145 -3.25 24.40 0.35
N SER B 146 -4.58 24.36 0.32
CA SER B 146 -5.34 23.12 0.31
C SER B 146 -5.01 22.27 -0.91
N SER B 147 -4.67 22.91 -2.03
CA SER B 147 -4.59 22.19 -3.32
C SER B 147 -3.19 21.69 -3.68
N MET B 148 -2.14 22.18 -3.03
CA MET B 148 -0.77 21.86 -3.42
C MET B 148 -0.56 20.36 -3.35
N THR B 149 0.07 19.80 -4.39
CA THR B 149 0.33 18.38 -4.41
C THR B 149 1.76 18.08 -3.98
N THR B 150 1.99 16.83 -3.62
CA THR B 150 3.29 16.39 -3.16
C THR B 150 4.09 15.81 -4.33
N VAL B 151 5.42 15.77 -4.15
CA VAL B 151 6.28 15.17 -5.16
C VAL B 151 5.81 13.77 -5.51
N GLN B 152 5.45 12.97 -4.49
CA GLN B 152 4.99 11.61 -4.76
C GLN B 152 3.69 11.59 -5.54
N GLU B 153 2.76 12.50 -5.19
CA GLU B 153 1.52 12.60 -5.94
C GLU B 153 1.78 12.92 -7.41
N ASN B 154 2.84 13.69 -7.70
CA ASN B 154 3.13 14.10 -9.07
C ASN B 154 3.72 12.97 -9.91
N GLU B 155 4.38 12.00 -9.27
CA GLU B 155 4.94 10.86 -9.98
C GLU B 155 3.88 9.85 -10.39
N LEU B 156 2.71 9.89 -9.75
CA LEU B 156 1.63 8.95 -10.01
C LEU B 156 0.55 9.58 -10.88
N SER B 161 0.84 19.45 -11.52
CA SER B 161 2.03 18.97 -12.22
C SER B 161 3.08 20.07 -12.33
N ASP B 162 2.88 21.17 -11.58
CA ASP B 162 3.80 22.28 -11.58
C ASP B 162 4.83 22.06 -10.47
N PRO B 163 6.10 21.75 -10.80
CA PRO B 163 7.04 21.37 -9.73
C PRO B 163 7.33 22.46 -8.71
N ALA B 164 7.18 23.74 -9.08
CA ALA B 164 7.54 24.83 -8.17
C ALA B 164 6.53 24.99 -7.03
N HIS B 165 5.31 24.51 -7.21
CA HIS B 165 4.24 24.65 -6.25
C HIS B 165 3.97 23.36 -5.47
N SER B 166 5.00 22.53 -5.29
CA SER B 166 4.84 21.19 -4.74
C SER B 166 5.33 21.13 -3.30
N LEU B 167 4.84 20.12 -2.59
CA LEU B 167 5.31 19.80 -1.25
C LEU B 167 6.33 18.66 -1.40
N ASN B 168 7.60 18.98 -1.20
N ASN B 168 7.60 18.99 -1.17
CA ASN B 168 8.67 18.01 -1.38
CA ASN B 168 8.70 18.04 -1.34
C ASN B 168 8.91 17.20 -0.10
C ASN B 168 8.92 17.20 -0.08
N TYR B 169 7.88 16.47 0.30
CA TYR B 169 8.03 15.52 1.40
C TYR B 169 8.90 14.37 0.93
N THR B 170 9.51 13.69 1.89
CA THR B 170 10.32 12.52 1.59
C THR B 170 9.42 11.40 1.09
N VAL B 171 9.76 10.84 -0.08
CA VAL B 171 8.91 9.81 -0.67
C VAL B 171 9.08 8.50 0.10
N ILE B 172 7.95 7.94 0.55
CA ILE B 172 7.92 6.66 1.24
C ILE B 172 7.02 5.73 0.41
N ASN B 173 7.55 4.57 0.04
CA ASN B 173 6.75 3.68 -0.79
C ASN B 173 7.16 2.25 -0.40
N PHE B 174 6.23 1.51 0.21
CA PHE B 174 6.55 0.22 0.81
C PHE B 174 6.82 -0.86 -0.23
N LYS B 175 6.42 -0.64 -1.47
CA LYS B 175 6.66 -1.62 -2.57
C LYS B 175 7.55 -0.92 -3.59
N SER B 176 8.80 -0.71 -3.18
CA SER B 176 9.79 0.02 -3.97
C SER B 176 11.13 -0.63 -3.70
N ARG B 177 12.03 -0.53 -4.69
CA ARG B 177 13.37 -1.07 -4.47
C ARG B 177 14.07 -0.40 -3.31
N GLU B 178 13.79 0.87 -3.03
CA GLU B 178 14.42 1.49 -1.88
C GLU B 178 14.02 0.78 -0.59
N ALA B 179 12.79 0.28 -0.52
CA ALA B 179 12.28 -0.31 0.70
C ALA B 179 12.65 -1.76 0.88
N ILE B 180 13.07 -2.44 -0.19
CA ILE B 180 13.14 -3.90 -0.21
C ILE B 180 14.52 -4.30 -0.70
N ARG B 181 15.30 -4.95 0.18
CA ARG B 181 16.62 -5.44 -0.18
C ARG B 181 16.49 -6.68 -1.05
N PRO B 182 17.17 -6.75 -2.18
CA PRO B 182 17.15 -7.99 -2.97
C PRO B 182 17.55 -9.14 -2.09
N GLY B 183 16.77 -10.23 -2.14
CA GLY B 183 17.03 -11.37 -1.28
C GLY B 183 16.40 -11.31 0.09
N HIS B 184 15.88 -10.15 0.51
CA HIS B 184 15.15 -10.02 1.76
C HIS B 184 13.71 -9.60 1.52
N GLU B 185 13.14 -10.02 0.39
CA GLU B 185 11.83 -9.49 0.00
C GLU B 185 10.78 -9.71 1.10
N MET B 186 10.59 -10.96 1.52
CA MET B 186 9.54 -11.19 2.53
C MET B 186 9.91 -10.51 3.83
N GLU B 187 11.18 -10.62 4.20
CA GLU B 187 11.62 -10.08 5.48
C GLU B 187 11.37 -8.59 5.52
N ASP B 188 11.80 -7.87 4.48
CA ASP B 188 11.72 -6.42 4.51
C ASP B 188 10.29 -5.91 4.34
N PHE B 189 9.44 -6.66 3.65
CA PHE B 189 8.06 -6.19 3.45
C PHE B 189 7.25 -6.38 4.71
N LEU B 190 7.50 -7.46 5.44
CA LEU B 190 6.71 -7.76 6.62
C LEU B 190 7.25 -7.08 7.86
N ASP B 191 8.55 -6.74 7.89
CA ASP B 191 9.19 -6.00 8.98
C ASP B 191 10.00 -4.87 8.37
N LYS B 192 9.53 -3.62 8.51
CA LYS B 192 10.15 -2.55 7.75
C LYS B 192 11.33 -1.91 8.47
N SER B 193 11.95 -2.59 9.43
CA SER B 193 12.98 -1.95 10.26
C SER B 193 14.17 -1.47 9.45
N TYR B 194 14.58 -2.22 8.41
N TYR B 194 14.59 -2.27 8.44
N TYR B 194 14.59 -2.25 8.43
CA TYR B 194 15.74 -1.78 7.64
CA TYR B 194 15.68 -1.86 7.56
CA TYR B 194 15.71 -1.82 7.60
C TYR B 194 15.41 -0.51 6.85
C TYR B 194 15.37 -0.52 6.90
C TYR B 194 15.39 -0.52 6.89
N TYR B 195 14.19 -0.42 6.32
CA TYR B 195 13.79 0.79 5.60
C TYR B 195 13.70 1.98 6.57
N LEU B 196 13.15 1.74 7.77
CA LEU B 196 13.04 2.83 8.75
C LEU B 196 14.41 3.28 9.22
N ASN B 197 15.21 2.32 9.71
CA ASN B 197 16.42 2.66 10.44
C ASN B 197 17.61 2.96 9.53
N THR B 198 17.83 2.13 8.51
CA THR B 198 19.00 2.35 7.66
C THR B 198 18.71 3.32 6.53
N VAL B 199 17.65 3.07 5.76
CA VAL B 199 17.37 3.89 4.59
C VAL B 199 16.96 5.28 5.02
N MET B 200 15.97 5.38 5.90
CA MET B 200 15.35 6.67 6.18
C MET B 200 16.08 7.40 7.29
N LEU B 201 16.18 6.79 8.46
CA LEU B 201 16.77 7.49 9.61
C LEU B 201 18.26 7.75 9.40
N GLN B 202 19.04 6.69 9.20
N GLN B 202 19.05 6.70 9.21
CA GLN B 202 20.48 6.88 9.01
CA GLN B 202 20.49 6.91 9.00
C GLN B 202 20.78 7.56 7.67
C GLN B 202 20.76 7.60 7.68
N GLY B 203 20.11 7.14 6.60
CA GLY B 203 20.40 7.64 5.28
C GLY B 203 19.86 8.99 4.87
N ILE B 204 18.58 9.25 5.11
CA ILE B 204 17.89 10.40 4.55
C ILE B 204 17.64 11.46 5.60
N PHE B 205 17.00 11.09 6.71
CA PHE B 205 16.66 12.07 7.74
C PHE B 205 17.82 12.39 8.66
N LYS B 206 18.75 11.43 8.83
CA LYS B 206 19.93 11.56 9.67
C LYS B 206 19.65 11.34 11.17
N ASN B 207 18.48 11.75 11.66
CA ASN B 207 18.12 11.50 13.05
C ASN B 207 16.59 11.50 13.19
N SER B 208 16.12 11.01 14.33
CA SER B 208 14.67 10.88 14.53
C SER B 208 14.01 12.24 14.68
N SER B 209 14.76 13.25 15.15
CA SER B 209 14.17 14.59 15.28
C SER B 209 13.70 15.11 13.93
N ASN B 210 14.53 15.00 12.88
CA ASN B 210 14.09 15.46 11.57
C ASN B 210 12.92 14.64 11.04
N TYR B 211 12.91 13.33 11.29
CA TYR B 211 11.77 12.50 10.89
C TYR B 211 10.49 12.95 11.58
N PHE B 212 10.55 13.13 12.90
CA PHE B 212 9.37 13.63 13.59
C PHE B 212 8.99 15.02 13.14
N GLY B 213 9.95 15.85 12.78
CA GLY B 213 9.61 17.20 12.34
C GLY B 213 8.78 17.18 11.07
N GLU B 214 9.18 16.32 10.12
CA GLU B 214 8.41 16.23 8.89
C GLU B 214 7.04 15.60 9.14
N LEU B 215 6.96 14.61 10.04
CA LEU B 215 5.69 14.01 10.39
C LEU B 215 4.75 15.03 11.00
N GLN B 216 5.26 15.87 11.90
CA GLN B 216 4.43 16.87 12.53
C GLN B 216 3.98 17.96 11.56
N PHE B 217 4.87 18.36 10.65
CA PHE B 217 4.54 19.36 9.64
C PHE B 217 3.48 18.84 8.66
N ALA B 218 3.60 17.56 8.29
CA ALA B 218 2.61 16.97 7.42
C ALA B 218 1.24 16.94 8.10
N PHE B 219 1.18 16.54 9.39
CA PHE B 219 -0.10 16.58 10.06
C PHE B 219 -0.67 17.99 10.09
N LEU B 220 0.15 18.98 10.44
CA LEU B 220 -0.41 20.32 10.59
C LEU B 220 -0.96 20.85 9.26
N ASN B 221 -0.28 20.54 8.14
CA ASN B 221 -0.82 20.96 6.84
CA ASN B 221 -0.79 20.94 6.83
C ASN B 221 -2.10 20.23 6.51
N ALA B 222 -2.20 18.95 6.88
CA ALA B 222 -3.45 18.22 6.71
C ALA B 222 -4.58 18.87 7.50
N MET B 223 -4.31 19.19 8.76
CA MET B 223 -5.37 19.72 9.62
C MET B 223 -5.75 21.14 9.24
N PHE B 224 -4.78 21.99 9.00
CA PHE B 224 -5.13 23.39 8.81
C PHE B 224 -5.58 23.70 7.40
N PHE B 225 -5.12 22.95 6.41
CA PHE B 225 -5.47 23.27 5.02
C PHE B 225 -6.27 22.17 4.34
N GLY B 226 -6.54 21.07 5.04
CA GLY B 226 -7.16 19.92 4.39
C GLY B 226 -6.36 19.41 3.23
N ASN B 227 -5.04 19.47 3.33
CA ASN B 227 -4.16 19.11 2.23
C ASN B 227 -4.04 17.59 2.20
N TYR B 228 -4.57 16.97 1.13
CA TYR B 228 -4.71 15.52 1.12
C TYR B 228 -3.37 14.82 1.04
N GLY B 229 -2.42 15.34 0.25
CA GLY B 229 -1.13 14.69 0.18
C GLY B 229 -0.34 14.76 1.46
N SER B 230 -0.55 15.83 2.23
CA SER B 230 0.04 15.88 3.56
C SER B 230 -0.55 14.82 4.48
N SER B 231 -1.86 14.61 4.41
CA SER B 231 -2.45 13.54 5.22
C SER B 231 -1.86 12.18 4.84
N LEU B 232 -1.72 11.92 3.53
CA LEU B 232 -1.06 10.68 3.11
C LEU B 232 0.33 10.53 3.71
N GLN B 233 1.10 11.64 3.71
CA GLN B 233 2.47 11.58 4.21
C GLN B 233 2.48 11.29 5.71
N TRP B 234 1.64 12.00 6.47
CA TRP B 234 1.54 11.77 7.91
C TRP B 234 1.26 10.29 8.21
N HIS B 235 0.26 9.70 7.51
CA HIS B 235 -0.04 8.31 7.80
C HIS B 235 1.07 7.39 7.35
N ALA B 236 1.75 7.70 6.24
CA ALA B 236 2.84 6.81 5.81
C ALA B 236 3.97 6.80 6.81
N MET B 237 4.24 7.97 7.40
CA MET B 237 5.34 8.04 8.36
C MET B 237 5.01 7.35 9.68
N ILE B 238 3.74 7.35 10.07
CA ILE B 238 3.30 6.56 11.22
C ILE B 238 3.43 5.08 10.89
N GLU B 239 2.89 4.70 9.74
CA GLU B 239 2.85 3.28 9.42
C GLU B 239 4.25 2.71 9.29
N LEU B 240 5.20 3.50 8.77
CA LEU B 240 6.56 2.96 8.66
C LEU B 240 7.15 2.62 10.03
N ILE B 241 6.88 3.44 11.04
CA ILE B 241 7.36 3.09 12.37
C ILE B 241 6.59 1.91 12.95
N CYS B 242 5.28 1.91 12.84
CA CYS B 242 4.49 0.88 13.50
C CYS B 242 4.77 -0.49 12.89
N SER B 243 5.06 -0.51 11.59
CA SER B 243 5.35 -1.74 10.86
C SER B 243 6.80 -2.18 10.97
N SER B 244 7.59 -1.57 11.84
CA SER B 244 8.95 -1.99 12.12
C SER B 244 9.02 -2.71 13.46
N ALA B 245 9.57 -3.94 13.44
CA ALA B 245 9.75 -4.68 14.69
C ALA B 245 10.83 -4.08 15.58
N THR B 246 11.81 -3.37 15.01
CA THR B 246 12.96 -2.85 15.77
C THR B 246 12.96 -1.34 15.65
N VAL B 247 12.53 -0.69 16.72
CA VAL B 247 12.48 0.77 16.79
C VAL B 247 13.09 1.18 18.12
N PRO B 248 13.99 2.16 18.15
CA PRO B 248 14.52 2.65 19.43
C PRO B 248 13.42 3.04 20.42
N LYS B 249 13.64 2.70 21.68
CA LYS B 249 12.59 2.85 22.68
C LYS B 249 12.20 4.31 22.85
N HIS B 250 13.18 5.21 22.76
CA HIS B 250 12.87 6.63 22.89
C HIS B 250 12.03 7.15 21.75
N MET B 251 12.17 6.55 20.55
CA MET B 251 11.34 6.99 19.44
C MET B 251 9.89 6.59 19.63
N LEU B 252 9.65 5.35 20.13
CA LEU B 252 8.28 4.91 20.35
C LEU B 252 7.60 5.77 21.40
N ASP B 253 8.31 6.02 22.50
CA ASP B 253 7.73 6.84 23.55
C ASP B 253 7.43 8.23 23.04
N LYS B 254 8.33 8.80 22.22
CA LYS B 254 8.06 10.13 21.69
C LYS B 254 6.94 10.10 20.66
N LEU B 255 6.91 9.06 19.81
CA LEU B 255 5.80 8.99 18.85
C LEU B 255 4.45 8.95 19.58
N ASP B 256 4.37 8.20 20.68
CA ASP B 256 3.12 8.12 21.41
C ASP B 256 2.67 9.49 21.86
N GLU B 257 3.61 10.31 22.35
CA GLU B 257 3.27 11.68 22.77
C GLU B 257 2.88 12.55 21.57
N ILE B 258 3.62 12.44 20.45
CA ILE B 258 3.31 13.25 19.27
C ILE B 258 1.88 12.98 18.82
N LEU B 259 1.56 11.71 18.61
CA LEU B 259 0.24 11.37 18.09
C LEU B 259 -0.85 11.70 19.07
N TYR B 260 -0.58 11.54 20.38
CA TYR B 260 -1.59 11.88 21.37
C TYR B 260 -2.05 13.33 21.20
N TYR B 261 -1.10 14.25 21.07
CA TYR B 261 -1.49 15.65 20.99
C TYR B 261 -2.12 15.97 19.64
N GLN B 262 -1.73 15.22 18.60
CA GLN B 262 -2.35 15.43 17.30
C GLN B 262 -3.80 15.00 17.34
N ILE B 263 -4.07 13.83 17.90
CA ILE B 263 -5.44 13.34 18.00
C ILE B 263 -6.25 14.22 18.94
N LYS B 264 -5.60 14.73 19.99
CA LYS B 264 -6.32 15.59 20.92
C LYS B 264 -6.78 16.87 20.25
N THR B 265 -5.96 17.42 19.35
CA THR B 265 -6.24 18.72 18.75
C THR B 265 -7.18 18.61 17.55
N LEU B 266 -7.23 17.45 16.91
CA LEU B 266 -8.06 17.28 15.71
C LEU B 266 -9.51 17.69 15.98
N PRO B 267 -10.12 18.50 15.12
CA PRO B 267 -11.56 18.74 15.25
C PRO B 267 -12.32 17.43 15.17
N GLU B 268 -13.25 17.24 16.11
CA GLU B 268 -14.01 15.99 16.16
C GLU B 268 -14.73 15.74 14.84
N GLN B 269 -15.20 16.80 14.18
CA GLN B 269 -16.00 16.66 12.98
C GLN B 269 -15.19 16.43 11.72
N TYR B 270 -13.86 16.44 11.79
CA TYR B 270 -12.99 16.17 10.65
C TYR B 270 -12.34 14.79 10.72
N SER B 271 -12.68 13.98 11.73
CA SER B 271 -12.02 12.69 11.85
C SER B 271 -12.34 11.78 10.68
N ASP B 272 -13.51 11.95 10.06
CA ASP B 272 -13.90 11.08 8.95
C ASP B 272 -12.92 11.19 7.79
N ILE B 273 -12.46 12.41 7.49
CA ILE B 273 -11.64 12.66 6.30
C ILE B 273 -10.15 12.71 6.64
N LEU B 274 -9.79 13.08 7.87
CA LEU B 274 -8.38 13.21 8.22
C LEU B 274 -7.78 11.95 8.86
N LEU B 275 -8.56 10.90 9.12
CA LEU B 275 -8.03 9.71 9.74
C LEU B 275 -8.32 8.49 8.87
N ASN B 276 -7.26 7.76 8.52
CA ASN B 276 -7.36 6.58 7.65
C ASN B 276 -7.61 5.36 8.53
N GLU B 277 -8.81 4.78 8.39
CA GLU B 277 -9.21 3.64 9.22
C GLU B 277 -8.20 2.51 9.16
N ARG B 278 -7.75 2.17 7.95
CA ARG B 278 -6.85 1.02 7.81
C ARG B 278 -5.56 1.23 8.58
N VAL B 279 -4.93 2.39 8.39
CA VAL B 279 -3.66 2.63 9.05
C VAL B 279 -3.82 2.58 10.57
N TRP B 280 -4.86 3.21 11.10
CA TRP B 280 -4.97 3.32 12.56
C TRP B 280 -5.29 1.98 13.18
N ASN B 281 -6.19 1.21 12.57
CA ASN B 281 -6.47 -0.12 13.11
C ASN B 281 -5.26 -1.02 13.00
N ILE B 282 -4.57 -1.00 11.87
CA ILE B 282 -3.34 -1.78 11.74
C ILE B 282 -2.32 -1.35 12.78
N CYS B 283 -2.14 -0.03 12.96
CA CYS B 283 -1.08 0.43 13.84
C CYS B 283 -1.37 0.09 15.30
N LEU B 284 -2.62 0.30 15.74
CA LEU B 284 -2.97 0.11 17.15
C LEU B 284 -3.28 -1.35 17.51
N TYR B 285 -3.67 -2.20 16.56
CA TYR B 285 -4.18 -3.53 16.91
C TYR B 285 -3.48 -4.70 16.24
N SER B 286 -2.74 -4.49 15.16
CA SER B 286 -2.09 -5.58 14.45
C SER B 286 -0.57 -5.47 14.40
N SER B 287 -0.02 -4.26 14.41
CA SER B 287 1.37 -4.02 14.08
C SER B 287 2.30 -4.46 15.20
N PHE B 288 3.60 -4.41 14.91
CA PHE B 288 4.61 -4.74 15.90
C PHE B 288 4.47 -3.86 17.12
N GLN B 289 4.00 -2.64 16.91
CA GLN B 289 3.96 -1.64 17.97
C GLN B 289 2.55 -1.46 18.54
N LYS B 290 1.67 -2.45 18.33
CA LYS B 290 0.30 -2.41 18.81
C LYS B 290 0.21 -2.16 20.31
N ASN B 291 1.26 -2.47 21.06
CA ASN B 291 1.27 -2.34 22.51
C ASN B 291 2.21 -1.25 22.99
N SER B 292 2.66 -0.38 22.10
CA SER B 292 3.70 0.59 22.42
C SER B 292 3.18 2.02 22.43
N LEU B 293 1.90 2.21 22.12
CA LEU B 293 1.36 3.56 21.98
C LEU B 293 0.19 3.72 22.94
N HIS B 294 0.45 3.62 24.24
CA HIS B 294 -0.65 3.56 25.20
C HIS B 294 -1.46 4.84 25.24
N ASN B 295 -0.79 5.99 25.23
CA ASN B 295 -1.53 7.24 25.33
C ASN B 295 -2.38 7.46 24.09
N THR B 296 -1.79 7.19 22.92
CA THR B 296 -2.50 7.39 21.67
C THR B 296 -3.68 6.44 21.56
N GLU B 297 -3.46 5.17 21.91
CA GLU B 297 -4.56 4.19 21.85
C GLU B 297 -5.68 4.60 22.81
N LYS B 298 -5.34 5.12 23.99
CA LYS B 298 -6.40 5.47 24.93
C LYS B 298 -7.21 6.66 24.44
N ILE B 299 -6.58 7.69 23.85
CA ILE B 299 -7.37 8.81 23.41
C ILE B 299 -8.16 8.45 22.16
N MET B 300 -7.57 7.65 21.26
CA MET B 300 -8.31 7.23 20.08
C MET B 300 -9.56 6.45 20.45
N GLU B 301 -9.44 5.51 21.39
CA GLU B 301 -10.60 4.70 21.76
C GLU B 301 -11.68 5.52 22.46
N ASN B 302 -11.32 6.58 23.18
CA ASN B 302 -12.34 7.39 23.85
C ASN B 302 -12.90 8.51 22.98
N LYS B 303 -12.16 8.95 21.96
CA LYS B 303 -12.61 10.05 21.13
C LYS B 303 -13.15 9.60 19.78
N TYR B 304 -12.64 8.50 19.23
CA TYR B 304 -13.04 8.04 17.89
C TYR B 304 -13.22 6.53 17.87
N PRO B 305 -14.06 5.99 18.75
CA PRO B 305 -14.23 4.53 18.79
C PRO B 305 -14.93 3.98 17.55
N GLU B 306 -15.56 4.84 16.76
CA GLU B 306 -16.22 4.40 15.53
C GLU B 306 -15.19 3.98 14.49
N LEU B 307 -14.20 4.83 14.24
CA LEU B 307 -13.13 4.51 13.30
C LEU B 307 -12.55 3.13 13.57
N LEU B 308 -12.58 2.69 14.82
CA LEU B 308 -11.98 1.41 15.19
C LEU B 308 -13.06 0.37 15.49
N1 V5C C . -0.39 51.84 8.01
C7 V5C C . -1.38 52.89 7.75
C8 V5C C . 0.79 52.22 8.80
N2 V5C C . 2.35 54.59 10.81
C9 V5C C . 0.33 53.18 9.94
C1 V5C C . 4.45 47.45 6.53
C5 V5C C . 0.47 49.54 7.80
C6 V5C C . -0.58 50.55 7.51
C4 V5C C . 1.42 49.31 6.89
C3 V5C C . 2.66 47.52 8.16
C2 V5C C . 2.49 48.34 7.08
C10 V5C C . 1.46 53.96 10.41
O V5C C . -1.59 50.29 6.88
N V5C C . 3.53 48.28 6.12
S V5C C . 4.12 46.66 8.06
C V5C C . 5.70 47.18 5.80
#